data_2Q07
#
_entry.id   2Q07
#
_cell.length_a   45.791
_cell.length_b   58.745
_cell.length_c   51.258
_cell.angle_alpha   90.00
_cell.angle_beta   96.91
_cell.angle_gamma   90.00
#
_symmetry.space_group_name_H-M   'P 1 21 1'
#
loop_
_entity.id
_entity.type
_entity.pdbx_description
1 polymer 'Uncharacterized protein AF0587'
2 water water
#
_entity_poly.entity_id   1
_entity_poly.type   'polypeptide(L)'
_entity_poly.pdbx_seq_one_letter_code
;(MSE)SLSALESSSRFEVRYFFERALECYKPFSDTVLLLPCTARKPYLTSRTHRALRSKVKVNVNEIIISSPLVVPREFE
LLYPAVNYDTPVTGHWSEEEVSFVAGWLKRFIEKGGFRKVVAHVTGGYRKVVERVEDEVEAEVVYTAEKDVLSDESIERL
KQEIESKGKVDLYRRILEH(MSE)LSYQFGITWSGKVAGRYPELELLEGKKRLARVDRIYG(MSE)LDIYEKIAAYLLEK
NIYTVEIGDFEVKGTIFAGGVLRADEKIRPNDVVVFHNSRIFGVGLAA(MSE)SGKE(MSE)AGSEKGIAINVKRKFSEG
HHHHHH
;
_entity_poly.pdbx_strand_id   A
#
# COMPACT_ATOMS: atom_id res chain seq x y z
N ARG A 15 -10.88 7.27 4.33
CA ARG A 15 -11.65 7.70 3.13
C ARG A 15 -10.64 7.91 2.00
N TYR A 16 -9.61 8.68 2.31
CA TYR A 16 -8.55 8.97 1.36
C TYR A 16 -7.80 7.69 1.00
N PHE A 17 -7.46 6.92 2.02
CA PHE A 17 -6.75 5.67 1.83
C PHE A 17 -7.52 4.77 0.87
N PHE A 18 -8.81 4.58 1.17
CA PHE A 18 -9.69 3.74 0.35
C PHE A 18 -9.72 4.14 -1.11
N GLU A 19 -9.94 5.42 -1.35
CA GLU A 19 -10.04 5.93 -2.71
C GLU A 19 -8.73 5.88 -3.48
N ARG A 20 -7.63 6.23 -2.82
CA ARG A 20 -6.33 6.23 -3.48
C ARG A 20 -5.83 4.82 -3.73
N ALA A 21 -6.04 3.93 -2.77
CA ALA A 21 -5.60 2.55 -2.94
C ALA A 21 -6.40 1.91 -4.07
N LEU A 22 -7.68 2.25 -4.16
CA LEU A 22 -8.53 1.69 -5.19
C LEU A 22 -8.09 2.10 -6.58
N GLU A 23 -7.62 3.33 -6.76
CA GLU A 23 -7.20 3.72 -8.10
C GLU A 23 -5.80 3.21 -8.46
N CYS A 24 -5.02 2.84 -7.45
CA CYS A 24 -3.66 2.35 -7.68
C CYS A 24 -3.55 0.83 -7.65
N TYR A 25 -4.64 0.16 -7.28
CA TYR A 25 -4.69 -1.29 -7.17
C TYR A 25 -4.54 -2.04 -8.49
N LYS A 26 -3.46 -2.80 -8.64
CA LYS A 26 -3.26 -3.57 -9.87
C LYS A 26 -2.90 -5.03 -9.60
N PRO A 27 -3.89 -5.92 -9.69
CA PRO A 27 -3.71 -7.36 -9.46
C PRO A 27 -2.74 -8.02 -10.43
N PHE A 28 -2.24 -9.19 -10.06
CA PHE A 28 -1.33 -9.95 -10.90
C PHE A 28 -1.93 -11.34 -11.11
N SER A 29 -3.12 -11.56 -10.55
CA SER A 29 -3.81 -12.85 -10.62
C SER A 29 -5.29 -12.67 -10.92
N ASP A 30 -5.95 -13.73 -11.38
CA ASP A 30 -7.37 -13.69 -11.68
C ASP A 30 -8.15 -14.19 -10.48
N THR A 31 -7.41 -14.63 -9.46
CA THR A 31 -8.02 -15.13 -8.23
C THR A 31 -7.56 -14.29 -7.04
N VAL A 32 -8.46 -14.04 -6.10
CA VAL A 32 -8.08 -13.27 -4.92
C VAL A 32 -8.45 -14.04 -3.66
N LEU A 33 -7.49 -14.13 -2.74
CA LEU A 33 -7.68 -14.82 -1.47
C LEU A 33 -8.05 -13.82 -0.37
N LEU A 34 -9.17 -14.07 0.31
CA LEU A 34 -9.59 -13.20 1.41
C LEU A 34 -9.15 -13.83 2.73
N LEU A 35 -8.55 -13.00 3.60
CA LEU A 35 -8.02 -13.45 4.86
C LEU A 35 -8.46 -12.58 6.05
N PRO A 36 -8.43 -13.14 7.26
CA PRO A 36 -8.83 -12.35 8.42
C PRO A 36 -7.69 -11.44 8.89
N CYS A 37 -8.04 -10.29 9.46
CA CYS A 37 -7.01 -9.40 9.97
C CYS A 37 -6.45 -10.07 11.22
N THR A 38 -5.31 -9.60 11.71
CA THR A 38 -4.71 -10.17 12.90
C THR A 38 -4.32 -9.08 13.88
N ALA A 39 -4.02 -9.49 15.12
CA ALA A 39 -3.61 -8.56 16.17
C ALA A 39 -2.29 -7.93 15.80
N ARG A 40 -1.35 -8.74 15.33
CA ARG A 40 -0.04 -8.24 14.94
C ARG A 40 -0.04 -7.71 13.51
N LYS A 41 0.56 -6.55 13.32
CA LYS A 41 0.68 -5.92 12.01
C LYS A 41 2.14 -5.52 11.79
N PRO A 42 2.56 -5.36 10.52
CA PRO A 42 1.73 -5.53 9.31
C PRO A 42 1.32 -7.00 9.22
N TYR A 43 0.10 -7.25 8.76
CA TYR A 43 -0.45 -8.60 8.67
C TYR A 43 0.45 -9.75 8.20
N LEU A 44 1.33 -9.48 7.24
CA LEU A 44 2.19 -10.54 6.72
C LEU A 44 3.16 -11.15 7.74
N THR A 45 3.45 -10.41 8.81
CA THR A 45 4.35 -10.91 9.84
C THR A 45 3.62 -11.60 10.98
N SER A 46 2.29 -11.67 10.90
CA SER A 46 1.51 -12.33 11.96
C SER A 46 1.69 -13.85 11.95
N ARG A 47 1.53 -14.47 13.10
CA ARG A 47 1.68 -15.92 13.17
C ARG A 47 0.68 -16.64 12.27
N THR A 48 -0.56 -16.18 12.25
CA THR A 48 -1.58 -16.81 11.41
C THR A 48 -1.21 -16.75 9.92
N HIS A 49 -0.95 -15.55 9.41
CA HIS A 49 -0.59 -15.45 7.99
C HIS A 49 0.67 -16.24 7.67
N ARG A 50 1.68 -16.18 8.54
CA ARG A 50 2.89 -16.93 8.30
C ARG A 50 2.64 -18.44 8.29
N ALA A 51 1.85 -18.94 9.24
CA ALA A 51 1.54 -20.37 9.31
C ALA A 51 0.83 -20.79 8.03
N LEU A 52 -0.14 -19.99 7.61
CA LEU A 52 -0.89 -20.28 6.39
C LEU A 52 0.01 -20.36 5.17
N ARG A 53 0.79 -19.30 4.94
CA ARG A 53 1.69 -19.27 3.80
C ARG A 53 2.78 -20.31 3.91
N SER A 54 2.90 -20.90 5.08
CA SER A 54 3.90 -21.94 5.32
C SER A 54 3.37 -23.30 4.84
N LYS A 55 2.06 -23.50 4.98
CA LYS A 55 1.43 -24.74 4.58
C LYS A 55 0.90 -24.75 3.15
N VAL A 56 0.85 -23.58 2.51
CA VAL A 56 0.36 -23.49 1.15
C VAL A 56 1.02 -22.33 0.38
N LYS A 57 1.54 -22.63 -0.81
CA LYS A 57 2.18 -21.59 -1.62
C LYS A 57 1.10 -20.68 -2.17
N VAL A 58 1.16 -19.41 -1.77
CA VAL A 58 0.17 -18.43 -2.19
C VAL A 58 0.63 -17.64 -3.42
N ASN A 59 0.02 -17.92 -4.56
CA ASN A 59 0.36 -17.23 -5.81
C ASN A 59 -0.82 -16.47 -6.41
N VAL A 60 -1.72 -16.04 -5.55
CA VAL A 60 -2.86 -15.26 -5.99
C VAL A 60 -2.88 -14.00 -5.12
N ASN A 61 -3.64 -13.01 -5.54
CA ASN A 61 -3.75 -11.75 -4.79
C ASN A 61 -4.42 -11.98 -3.45
N GLU A 62 -4.12 -11.12 -2.49
CA GLU A 62 -4.67 -11.25 -1.15
C GLU A 62 -5.30 -9.96 -0.65
N ILE A 63 -6.41 -10.09 0.04
CA ILE A 63 -7.07 -8.93 0.62
C ILE A 63 -7.36 -9.34 2.06
N ILE A 64 -6.92 -8.52 3.00
CA ILE A 64 -7.16 -8.78 4.41
C ILE A 64 -8.42 -8.03 4.85
N ILE A 65 -9.41 -8.76 5.35
CA ILE A 65 -10.64 -8.11 5.81
C ILE A 65 -10.48 -7.67 7.27
N SER A 66 -10.77 -6.40 7.51
CA SER A 66 -10.69 -5.83 8.86
C SER A 66 -11.83 -4.84 9.04
N SER A 67 -11.73 -4.00 10.06
CA SER A 67 -12.75 -2.99 10.32
C SER A 67 -12.13 -1.75 10.96
N PRO A 68 -12.37 -0.57 10.35
CA PRO A 68 -13.17 -0.35 9.15
C PRO A 68 -12.42 -0.61 7.85
N LEU A 69 -11.13 -0.90 7.95
CA LEU A 69 -10.31 -1.10 6.78
C LEU A 69 -10.29 -2.45 6.07
N VAL A 70 -10.39 -2.37 4.75
CA VAL A 70 -10.30 -3.50 3.86
C VAL A 70 -8.93 -3.22 3.25
N VAL A 71 -8.02 -4.18 3.32
CA VAL A 71 -6.67 -3.94 2.84
C VAL A 71 -6.01 -4.91 1.86
N PRO A 72 -5.78 -4.48 0.62
CA PRO A 72 -5.12 -5.39 -0.32
C PRO A 72 -3.73 -5.57 0.27
N ARG A 73 -3.20 -6.78 0.20
CA ARG A 73 -1.89 -7.06 0.74
C ARG A 73 -0.81 -6.06 0.31
N GLU A 74 -0.96 -5.51 -0.89
CA GLU A 74 0.01 -4.55 -1.44
C GLU A 74 0.09 -3.22 -0.70
N PHE A 75 -0.92 -2.90 0.10
CA PHE A 75 -0.93 -1.64 0.82
C PHE A 75 -0.78 -1.86 2.33
N GLU A 76 -0.50 -3.09 2.75
CA GLU A 76 -0.42 -3.37 4.18
C GLU A 76 0.72 -2.70 4.95
N LEU A 77 1.57 -1.94 4.25
CA LEU A 77 2.69 -1.26 4.90
C LEU A 77 2.48 0.25 5.02
N LEU A 78 1.41 0.73 4.39
CA LEU A 78 1.09 2.17 4.41
C LEU A 78 0.34 2.53 5.69
N HIS A 91 -18.40 -6.09 17.02
CA HIS A 91 -19.12 -7.36 16.95
C HIS A 91 -19.85 -7.54 15.62
N TRP A 92 -19.25 -7.01 14.55
CA TRP A 92 -19.82 -7.10 13.21
C TRP A 92 -21.30 -6.73 13.14
N SER A 93 -21.60 -5.50 13.51
CA SER A 93 -22.96 -4.99 13.48
C SER A 93 -23.37 -4.83 12.02
N GLU A 94 -24.66 -4.57 11.79
CA GLU A 94 -25.18 -4.38 10.43
C GLU A 94 -24.46 -3.23 9.70
N GLU A 95 -24.34 -2.09 10.37
CA GLU A 95 -23.68 -0.92 9.78
C GLU A 95 -22.22 -1.21 9.43
N GLU A 96 -21.57 -1.98 10.28
CA GLU A 96 -20.17 -2.35 10.10
C GLU A 96 -20.00 -3.35 8.95
N VAL A 97 -20.84 -4.36 8.92
CA VAL A 97 -20.76 -5.36 7.85
C VAL A 97 -21.07 -4.65 6.54
N SER A 98 -22.08 -3.80 6.57
CA SER A 98 -22.50 -3.05 5.39
C SER A 98 -21.36 -2.17 4.86
N PHE A 99 -20.71 -1.43 5.75
CA PHE A 99 -19.61 -0.55 5.37
C PHE A 99 -18.41 -1.33 4.84
N VAL A 100 -18.01 -2.39 5.53
CA VAL A 100 -16.85 -3.17 5.06
C VAL A 100 -17.14 -3.88 3.73
N ALA A 101 -18.36 -4.39 3.58
CA ALA A 101 -18.75 -5.07 2.35
C ALA A 101 -18.67 -4.09 1.16
N GLY A 102 -19.14 -2.87 1.38
CA GLY A 102 -19.11 -1.86 0.34
C GLY A 102 -17.73 -1.66 -0.25
N TRP A 103 -16.73 -1.47 0.63
CA TRP A 103 -15.36 -1.29 0.17
C TRP A 103 -14.73 -2.56 -0.38
N LEU A 104 -14.97 -3.69 0.27
CA LEU A 104 -14.42 -4.95 -0.20
C LEU A 104 -14.87 -5.22 -1.64
N LYS A 105 -16.15 -4.96 -1.90
CA LYS A 105 -16.71 -5.16 -3.23
C LYS A 105 -15.97 -4.32 -4.27
N ARG A 106 -15.65 -3.08 -3.91
CA ARG A 106 -14.94 -2.18 -4.81
C ARG A 106 -13.59 -2.72 -5.24
N PHE A 107 -12.83 -3.28 -4.29
CA PHE A 107 -11.53 -3.85 -4.62
C PHE A 107 -11.66 -5.11 -5.48
N ILE A 108 -12.66 -5.94 -5.18
CA ILE A 108 -12.89 -7.15 -5.94
C ILE A 108 -13.26 -6.80 -7.37
N GLU A 109 -14.16 -5.84 -7.54
CA GLU A 109 -14.59 -5.45 -8.88
C GLU A 109 -13.50 -4.67 -9.64
N LYS A 110 -12.75 -3.85 -8.93
CA LYS A 110 -11.66 -3.09 -9.55
C LYS A 110 -10.59 -4.08 -10.02
N GLY A 111 -10.35 -5.10 -9.20
CA GLY A 111 -9.35 -6.11 -9.52
C GLY A 111 -9.77 -7.01 -10.68
N GLY A 112 -11.06 -7.03 -10.97
CA GLY A 112 -11.58 -7.84 -12.06
C GLY A 112 -11.32 -9.33 -11.90
N PHE A 113 -11.33 -9.81 -10.66
CA PHE A 113 -11.10 -11.23 -10.38
C PHE A 113 -12.23 -12.12 -10.91
N ARG A 114 -11.88 -13.32 -11.34
CA ARG A 114 -12.89 -14.25 -11.83
C ARG A 114 -13.32 -15.15 -10.68
N LYS A 115 -12.51 -15.21 -9.64
CA LYS A 115 -12.81 -16.04 -8.49
C LYS A 115 -12.32 -15.42 -7.17
N VAL A 116 -13.16 -15.53 -6.14
CA VAL A 116 -12.86 -15.01 -4.82
C VAL A 116 -12.86 -16.20 -3.85
N VAL A 117 -11.71 -16.48 -3.24
CA VAL A 117 -11.61 -17.55 -2.25
C VAL A 117 -11.66 -16.93 -0.86
N ALA A 118 -12.79 -17.09 -0.18
CA ALA A 118 -12.96 -16.52 1.15
C ALA A 118 -12.44 -17.45 2.25
N HIS A 119 -11.20 -17.25 2.69
CA HIS A 119 -10.64 -18.08 3.73
C HIS A 119 -10.81 -17.38 5.07
N VAL A 120 -12.06 -17.29 5.51
CA VAL A 120 -12.40 -16.61 6.74
C VAL A 120 -13.61 -17.28 7.37
N THR A 121 -13.87 -16.99 8.63
CA THR A 121 -15.01 -17.58 9.32
C THR A 121 -15.81 -16.57 10.12
N GLY A 122 -16.95 -17.01 10.63
CA GLY A 122 -17.82 -16.15 11.43
C GLY A 122 -18.18 -14.83 10.80
N GLY A 123 -18.15 -13.77 11.62
CA GLY A 123 -18.47 -12.44 11.15
C GLY A 123 -17.90 -12.06 9.79
N TYR A 124 -16.71 -12.55 9.49
CA TYR A 124 -16.06 -12.24 8.21
C TYR A 124 -16.82 -12.83 7.03
N ARG A 125 -17.36 -14.02 7.21
CA ARG A 125 -18.11 -14.66 6.14
C ARG A 125 -19.36 -13.84 5.83
N LYS A 126 -19.93 -13.22 6.86
CA LYS A 126 -21.11 -12.39 6.68
C LYS A 126 -20.77 -11.23 5.76
N VAL A 127 -19.57 -10.66 5.93
CA VAL A 127 -19.15 -9.55 5.09
C VAL A 127 -19.07 -10.05 3.64
N VAL A 128 -18.36 -11.15 3.44
CA VAL A 128 -18.20 -11.74 2.11
C VAL A 128 -19.55 -12.15 1.50
N GLU A 129 -20.39 -12.75 2.33
CA GLU A 129 -21.70 -13.17 1.86
C GLU A 129 -22.46 -12.01 1.26
N ARG A 130 -22.32 -10.82 1.83
CA ARG A 130 -22.99 -9.63 1.31
C ARG A 130 -22.50 -9.30 -0.09
N VAL A 131 -21.19 -9.42 -0.31
CA VAL A 131 -20.57 -9.11 -1.59
C VAL A 131 -20.81 -10.18 -2.67
N GLU A 132 -20.78 -11.45 -2.26
CA GLU A 132 -20.97 -12.55 -3.18
C GLU A 132 -22.19 -12.32 -4.08
N ASP A 133 -23.30 -11.88 -3.49
CA ASP A 133 -24.52 -11.66 -4.25
C ASP A 133 -24.49 -10.47 -5.22
N GLU A 134 -23.44 -9.65 -5.14
CA GLU A 134 -23.38 -8.48 -6.00
C GLU A 134 -22.26 -8.50 -7.05
N VAL A 135 -21.40 -9.50 -7.01
CA VAL A 135 -20.29 -9.58 -7.96
C VAL A 135 -20.43 -10.74 -8.94
N GLU A 136 -19.82 -10.60 -10.11
CA GLU A 136 -19.88 -11.65 -11.13
C GLU A 136 -18.96 -12.81 -10.78
N ALA A 137 -17.89 -12.53 -10.04
CA ALA A 137 -16.94 -13.56 -9.67
C ALA A 137 -17.55 -14.74 -8.92
N GLU A 138 -16.92 -15.89 -9.06
CA GLU A 138 -17.38 -17.08 -8.34
C GLU A 138 -16.81 -16.88 -6.94
N VAL A 139 -17.60 -17.20 -5.92
CA VAL A 139 -17.13 -17.06 -4.56
C VAL A 139 -17.21 -18.41 -3.88
N VAL A 140 -16.05 -18.88 -3.40
CA VAL A 140 -15.96 -20.16 -2.72
C VAL A 140 -15.47 -19.96 -1.29
N TYR A 141 -16.00 -20.75 -0.36
CA TYR A 141 -15.61 -20.65 1.04
C TYR A 141 -14.78 -21.88 1.40
N THR A 142 -13.59 -21.65 1.94
CA THR A 142 -12.69 -22.76 2.28
C THR A 142 -12.42 -23.00 3.75
N ALA A 143 -13.01 -22.18 4.62
CA ALA A 143 -12.78 -22.33 6.04
C ALA A 143 -14.06 -22.41 6.88
N GLU A 144 -14.12 -23.42 7.74
CA GLU A 144 -15.24 -23.61 8.64
C GLU A 144 -14.68 -23.92 10.03
N LYS A 145 -14.78 -22.95 10.92
CA LYS A 145 -14.29 -23.08 12.30
C LYS A 145 -12.85 -22.61 12.48
N ASP A 146 -11.93 -23.18 11.71
CA ASP A 146 -10.51 -22.84 11.84
C ASP A 146 -9.86 -22.61 10.48
N VAL A 147 -9.24 -21.45 10.29
CA VAL A 147 -8.58 -21.16 9.02
C VAL A 147 -7.28 -21.96 8.85
N LEU A 148 -6.77 -22.48 9.96
CA LEU A 148 -5.53 -23.25 9.99
C LEU A 148 -5.66 -24.77 10.19
N SER A 149 -6.87 -25.31 10.09
CA SER A 149 -7.05 -26.76 10.26
C SER A 149 -6.59 -27.52 9.03
N ASP A 150 -6.25 -28.79 9.19
CA ASP A 150 -5.79 -29.59 8.05
C ASP A 150 -6.85 -29.65 6.96
N GLU A 151 -8.11 -29.61 7.37
CA GLU A 151 -9.21 -29.67 6.43
C GLU A 151 -9.31 -28.35 5.67
N SER A 152 -9.16 -27.24 6.38
CA SER A 152 -9.22 -25.92 5.76
C SER A 152 -8.06 -25.71 4.79
N ILE A 153 -6.85 -26.11 5.18
CA ILE A 153 -5.72 -25.94 4.26
C ILE A 153 -5.85 -26.85 3.03
N GLU A 154 -6.49 -28.00 3.18
CA GLU A 154 -6.66 -28.88 2.02
C GLU A 154 -7.69 -28.27 1.07
N ARG A 155 -8.75 -27.70 1.62
CA ARG A 155 -9.78 -27.05 0.81
C ARG A 155 -9.18 -25.84 0.10
N LEU A 156 -8.33 -25.12 0.83
CA LEU A 156 -7.69 -23.95 0.26
C LEU A 156 -6.76 -24.36 -0.89
N LYS A 157 -5.90 -25.35 -0.66
CA LYS A 157 -5.00 -25.80 -1.72
C LYS A 157 -5.77 -26.19 -2.98
N GLN A 158 -6.92 -26.83 -2.78
CA GLN A 158 -7.69 -27.27 -3.92
C GLN A 158 -8.35 -26.16 -4.72
N GLU A 159 -8.30 -24.93 -4.18
CA GLU A 159 -8.87 -23.77 -4.85
C GLU A 159 -7.83 -22.81 -5.43
N ILE A 160 -6.63 -22.76 -4.85
CA ILE A 160 -5.61 -21.83 -5.33
C ILE A 160 -4.28 -22.43 -5.76
N GLU A 161 -4.19 -23.76 -5.82
CA GLU A 161 -2.97 -24.44 -6.23
C GLU A 161 -2.45 -23.81 -7.52
N SER A 162 -1.17 -23.41 -7.54
CA SER A 162 -0.60 -22.78 -8.73
C SER A 162 0.79 -23.31 -9.07
N LYS A 163 1.12 -23.25 -10.37
CA LYS A 163 2.39 -23.74 -10.90
C LYS A 163 3.72 -23.16 -10.38
N GLY A 164 3.98 -21.88 -10.62
CA GLY A 164 5.24 -21.30 -10.19
C GLY A 164 5.26 -20.45 -8.93
N LYS A 165 5.82 -19.25 -9.04
CA LYS A 165 5.90 -18.34 -7.91
C LYS A 165 5.72 -16.87 -8.31
N VAL A 166 5.53 -16.02 -7.31
CA VAL A 166 5.33 -14.59 -7.52
C VAL A 166 6.21 -13.80 -6.55
N ASP A 167 6.69 -12.64 -6.97
CA ASP A 167 7.50 -11.84 -6.07
C ASP A 167 6.60 -10.78 -5.44
N LEU A 168 5.96 -11.15 -4.34
CA LEU A 168 5.05 -10.27 -3.63
C LEU A 168 5.70 -8.98 -3.13
N TYR A 169 6.96 -9.07 -2.70
CA TYR A 169 7.69 -7.90 -2.17
C TYR A 169 7.82 -6.78 -3.20
N ARG A 170 8.06 -7.15 -4.45
CA ARG A 170 8.18 -6.15 -5.51
C ARG A 170 6.84 -5.46 -5.79
N ARG A 171 5.75 -6.24 -5.75
CA ARG A 171 4.42 -5.67 -5.99
C ARG A 171 4.07 -4.66 -4.89
N ILE A 172 4.45 -4.99 -3.66
CA ILE A 172 4.20 -4.12 -2.51
C ILE A 172 4.90 -2.77 -2.68
N LEU A 173 6.19 -2.83 -3.01
CA LEU A 173 6.99 -1.62 -3.18
C LEU A 173 6.47 -0.83 -4.38
N GLU A 174 6.13 -1.52 -5.46
CA GLU A 174 5.61 -0.83 -6.65
C GLU A 174 4.30 -0.13 -6.32
N HIS A 175 3.45 -0.79 -5.52
CA HIS A 175 2.16 -0.21 -5.14
C HIS A 175 2.30 0.99 -4.22
N LEU A 177 4.83 3.15 -4.26
CA LEU A 177 5.32 4.22 -5.12
C LEU A 177 4.14 4.82 -5.87
N SER A 178 3.29 3.94 -6.40
CA SER A 178 2.10 4.34 -7.14
C SER A 178 1.19 5.15 -6.22
N TYR A 179 0.91 4.60 -5.04
CA TYR A 179 0.08 5.25 -4.05
C TYR A 179 0.56 6.68 -3.74
N GLN A 180 1.81 6.79 -3.30
CA GLN A 180 2.41 8.07 -2.93
C GLN A 180 2.77 9.06 -4.03
N PHE A 181 3.24 8.56 -5.17
CA PHE A 181 3.67 9.44 -6.25
C PHE A 181 3.02 9.20 -7.61
N GLY A 182 2.23 8.14 -7.75
CA GLY A 182 1.60 7.88 -9.02
C GLY A 182 2.61 7.48 -10.08
N ILE A 183 3.70 6.84 -9.66
CA ILE A 183 4.73 6.37 -10.59
C ILE A 183 5.16 4.98 -10.15
N THR A 184 6.06 4.37 -10.94
CA THR A 184 6.60 3.08 -10.60
C THR A 184 8.08 3.10 -10.94
N TRP A 185 8.84 2.13 -10.45
CA TRP A 185 10.27 2.06 -10.71
C TRP A 185 10.76 0.64 -10.59
N SER A 186 11.89 0.37 -11.25
CA SER A 186 12.49 -0.96 -11.22
C SER A 186 13.70 -0.97 -10.28
N GLY A 187 14.20 -2.16 -9.98
CA GLY A 187 15.34 -2.28 -9.11
C GLY A 187 15.36 -3.57 -8.32
N LYS A 188 16.42 -3.75 -7.54
CA LYS A 188 16.58 -4.94 -6.72
C LYS A 188 15.84 -4.74 -5.41
N VAL A 189 15.08 -5.74 -5.00
CA VAL A 189 14.32 -5.67 -3.76
C VAL A 189 15.22 -6.28 -2.67
N ALA A 190 15.35 -5.60 -1.54
CA ALA A 190 16.20 -6.11 -0.47
C ALA A 190 15.66 -5.83 0.93
N GLY A 191 16.39 -6.31 1.93
CA GLY A 191 15.99 -6.10 3.31
C GLY A 191 15.08 -7.19 3.86
N ARG A 192 14.87 -7.17 5.17
CA ARG A 192 13.99 -8.16 5.79
C ARG A 192 12.63 -7.52 6.07
N TYR A 193 11.58 -8.14 5.54
CA TYR A 193 10.21 -7.65 5.71
C TYR A 193 9.95 -7.33 7.19
N PRO A 194 9.25 -6.22 7.48
CA PRO A 194 8.67 -5.20 6.59
C PRO A 194 9.61 -4.07 6.17
N GLU A 195 10.88 -4.18 6.52
CA GLU A 195 11.86 -3.15 6.19
C GLU A 195 12.48 -3.40 4.82
N LEU A 196 11.65 -3.32 3.79
CA LEU A 196 12.09 -3.55 2.42
C LEU A 196 12.76 -2.32 1.81
N GLU A 197 13.59 -2.56 0.80
CA GLU A 197 14.27 -1.49 0.09
C GLU A 197 14.30 -1.82 -1.39
N LEU A 198 14.51 -0.81 -2.22
CA LEU A 198 14.61 -1.02 -3.65
C LEU A 198 15.97 -0.43 -3.99
N LEU A 199 16.83 -1.22 -4.60
CA LEU A 199 18.18 -0.74 -4.91
C LEU A 199 18.48 -0.73 -6.40
N GLU A 200 19.35 0.19 -6.80
CA GLU A 200 19.80 0.31 -8.19
C GLU A 200 21.29 0.62 -8.12
N GLY A 201 22.09 -0.22 -8.76
CA GLY A 201 23.53 -0.02 -8.73
C GLY A 201 23.92 -0.49 -7.34
N LYS A 202 24.48 0.42 -6.55
CA LYS A 202 24.87 0.08 -5.19
C LYS A 202 24.34 1.16 -4.26
N LYS A 203 23.23 1.76 -4.67
CA LYS A 203 22.59 2.83 -3.92
C LYS A 203 21.09 2.55 -3.80
N ARG A 204 20.48 2.96 -2.69
CA ARG A 204 19.06 2.72 -2.52
C ARG A 204 18.22 3.76 -3.24
N LEU A 205 17.12 3.30 -3.81
CA LEU A 205 16.19 4.17 -4.53
C LEU A 205 15.07 4.57 -3.61
N ALA A 206 14.69 3.66 -2.73
CA ALA A 206 13.61 3.89 -1.78
C ALA A 206 13.69 2.84 -0.68
N ARG A 207 12.99 3.08 0.42
CA ARG A 207 12.93 2.14 1.52
C ARG A 207 11.71 2.40 2.37
N VAL A 208 11.22 1.35 3.00
CA VAL A 208 10.04 1.46 3.86
C VAL A 208 10.46 2.11 5.17
N ASP A 209 9.72 3.14 5.58
CA ASP A 209 9.97 3.83 6.84
C ASP A 209 8.87 3.32 7.77
N ARG A 210 9.23 2.38 8.65
CA ARG A 210 8.27 1.81 9.58
C ARG A 210 7.69 2.81 10.57
N ILE A 211 8.34 3.96 10.72
CA ILE A 211 7.85 4.99 11.64
C ILE A 211 6.66 5.74 11.04
N TYR A 212 6.84 6.27 9.84
CA TYR A 212 5.78 7.01 9.18
C TYR A 212 4.85 6.17 8.29
N GLY A 213 5.14 4.87 8.20
CA GLY A 213 4.32 3.99 7.37
C GLY A 213 4.18 4.47 5.93
N LEU A 215 6.91 5.17 2.05
CA LEU A 215 8.20 5.02 1.40
C LEU A 215 9.03 6.29 1.51
N ASP A 216 10.32 6.12 1.79
CA ASP A 216 11.23 7.25 1.83
C ASP A 216 11.90 7.09 0.47
N ILE A 217 12.18 8.19 -0.23
CA ILE A 217 12.82 8.12 -1.54
C ILE A 217 14.16 8.84 -1.56
N TYR A 218 15.03 8.46 -2.49
CA TYR A 218 16.34 9.08 -2.60
C TYR A 218 16.57 9.87 -3.88
N GLU A 219 17.83 10.10 -4.24
CA GLU A 219 18.16 10.94 -5.41
C GLU A 219 17.52 10.73 -6.78
N LYS A 220 17.67 9.53 -7.34
CA LYS A 220 17.13 9.24 -8.66
C LYS A 220 15.63 9.46 -8.79
N ILE A 221 14.86 9.00 -7.80
CA ILE A 221 13.42 9.15 -7.84
C ILE A 221 13.02 10.61 -7.67
N ALA A 222 13.57 11.27 -6.65
CA ALA A 222 13.31 12.68 -6.38
C ALA A 222 13.64 13.48 -7.65
N ALA A 223 14.72 13.08 -8.32
CA ALA A 223 15.16 13.73 -9.56
C ALA A 223 14.10 13.55 -10.62
N TYR A 224 13.56 12.34 -10.70
CA TYR A 224 12.51 12.06 -11.68
C TYR A 224 11.28 12.91 -11.39
N LEU A 225 10.85 12.95 -10.13
CA LEU A 225 9.67 13.73 -9.73
C LEU A 225 9.88 15.22 -10.02
N LEU A 226 11.10 15.71 -9.80
CA LEU A 226 11.43 17.10 -10.04
C LEU A 226 11.28 17.39 -11.53
N GLU A 227 11.77 16.48 -12.35
CA GLU A 227 11.69 16.60 -13.81
C GLU A 227 10.24 16.74 -14.26
N LYS A 228 9.40 15.79 -13.85
CA LYS A 228 8.00 15.79 -14.22
C LYS A 228 7.22 16.85 -13.45
N ASN A 229 7.95 17.67 -12.71
CA ASN A 229 7.36 18.74 -11.91
C ASN A 229 6.13 18.33 -11.10
N ILE A 230 6.23 17.21 -10.40
CA ILE A 230 5.13 16.73 -9.56
C ILE A 230 5.61 16.56 -8.11
N TYR A 231 4.75 16.92 -7.15
CA TYR A 231 5.09 16.85 -5.74
C TYR A 231 6.35 17.68 -5.48
N THR A 232 6.49 18.74 -6.27
CA THR A 232 7.64 19.63 -6.17
C THR A 232 7.29 20.97 -5.56
N VAL A 233 8.28 21.57 -4.92
CA VAL A 233 8.10 22.88 -4.30
C VAL A 233 9.37 23.70 -4.56
N GLU A 234 9.19 24.88 -5.12
CA GLU A 234 10.31 25.77 -5.40
C GLU A 234 10.55 26.62 -4.17
N ILE A 235 11.80 26.75 -3.77
CA ILE A 235 12.15 27.52 -2.58
C ILE A 235 13.17 28.63 -2.85
N GLY A 236 13.37 29.48 -1.85
CA GLY A 236 14.31 30.57 -1.99
C GLY A 236 15.74 30.08 -2.02
N ASP A 237 16.66 30.97 -2.35
CA ASP A 237 18.08 30.65 -2.41
C ASP A 237 18.77 30.79 -1.06
N PHE A 238 18.40 29.94 -0.11
CA PHE A 238 19.01 29.95 1.22
C PHE A 238 19.55 28.56 1.55
N GLU A 239 20.48 28.51 2.51
CA GLU A 239 21.08 27.23 2.93
C GLU A 239 20.00 26.44 3.68
N VAL A 240 19.61 25.29 3.15
CA VAL A 240 18.59 24.49 3.82
C VAL A 240 19.17 23.72 5.01
N LYS A 241 18.46 23.81 6.14
CA LYS A 241 18.88 23.14 7.38
C LYS A 241 17.69 22.72 8.24
N GLY A 242 17.29 21.46 8.12
CA GLY A 242 16.20 20.95 8.93
C GLY A 242 14.79 21.41 8.59
N THR A 243 14.56 22.73 8.60
CA THR A 243 13.24 23.26 8.33
C THR A 243 13.16 24.31 7.21
N ILE A 244 12.02 24.33 6.54
CA ILE A 244 11.74 25.30 5.47
C ILE A 244 10.37 25.89 5.78
N PHE A 245 10.35 27.17 6.19
CA PHE A 245 9.08 27.81 6.54
C PHE A 245 8.33 28.22 5.29
N ALA A 246 7.04 28.50 5.44
CA ALA A 246 6.19 28.88 4.32
C ALA A 246 6.74 30.08 3.57
N GLY A 247 7.27 31.04 4.31
CA GLY A 247 7.83 32.24 3.70
C GLY A 247 8.98 31.97 2.75
N GLY A 248 9.63 30.80 2.89
CA GLY A 248 10.74 30.45 2.02
C GLY A 248 10.33 29.71 0.77
N VAL A 249 9.04 29.42 0.66
CA VAL A 249 8.49 28.70 -0.49
C VAL A 249 8.00 29.65 -1.58
N LEU A 250 8.59 29.55 -2.77
CA LEU A 250 8.18 30.40 -3.88
C LEU A 250 6.88 29.87 -4.48
N ARG A 251 6.93 28.66 -5.02
CA ARG A 251 5.75 28.03 -5.61
C ARG A 251 5.69 26.59 -5.11
N ALA A 252 4.50 25.98 -5.17
CA ALA A 252 4.32 24.61 -4.71
C ALA A 252 3.19 23.90 -5.46
N ASP A 253 3.33 22.58 -5.62
CA ASP A 253 2.32 21.78 -6.31
C ASP A 253 1.04 21.86 -5.48
N GLU A 254 -0.04 22.33 -6.08
CA GLU A 254 -1.32 22.46 -5.39
C GLU A 254 -1.88 21.13 -4.92
N LYS A 255 -1.45 20.04 -5.56
CA LYS A 255 -1.91 18.70 -5.19
C LYS A 255 -1.26 18.20 -3.91
N ILE A 256 -0.21 18.90 -3.46
CA ILE A 256 0.51 18.51 -2.25
C ILE A 256 -0.36 18.59 -0.99
N ARG A 257 -0.37 17.51 -0.22
CA ARG A 257 -1.13 17.46 1.02
C ARG A 257 -0.15 17.29 2.17
N PRO A 258 -0.53 17.73 3.37
CA PRO A 258 0.31 17.64 4.56
C PRO A 258 1.40 16.55 4.59
N ASN A 259 1.13 15.43 5.24
CA ASN A 259 2.13 14.37 5.36
C ASN A 259 2.71 13.77 4.06
N ASP A 260 2.63 14.50 2.95
CA ASP A 260 3.17 13.99 1.69
C ASP A 260 4.68 14.19 1.58
N VAL A 261 5.34 13.27 0.89
CA VAL A 261 6.77 13.39 0.65
C VAL A 261 6.85 14.32 -0.57
N VAL A 262 7.62 15.39 -0.44
CA VAL A 262 7.76 16.34 -1.52
C VAL A 262 9.23 16.53 -1.88
N VAL A 263 9.46 17.06 -3.08
CA VAL A 263 10.81 17.31 -3.54
C VAL A 263 10.94 18.82 -3.72
N PHE A 264 11.73 19.45 -2.86
CA PHE A 264 11.96 20.89 -2.92
C PHE A 264 13.19 21.17 -3.77
N HIS A 265 13.33 22.41 -4.25
CA HIS A 265 14.47 22.75 -5.09
C HIS A 265 14.65 24.27 -5.34
N ASN A 266 15.89 24.65 -5.67
CA ASN A 266 16.23 26.02 -6.03
C ASN A 266 17.34 25.94 -7.08
N SER A 267 18.05 27.02 -7.33
CA SER A 267 19.10 27.02 -8.35
C SER A 267 20.37 26.24 -8.02
N ARG A 268 20.54 25.81 -6.76
CA ARG A 268 21.74 25.08 -6.39
C ARG A 268 21.51 23.67 -5.84
N ILE A 269 20.30 23.40 -5.35
CA ILE A 269 20.02 22.09 -4.80
C ILE A 269 18.56 21.66 -4.92
N PHE A 270 18.34 20.40 -4.63
CA PHE A 270 17.00 19.85 -4.58
C PHE A 270 17.07 18.81 -3.48
N GLY A 271 15.94 18.55 -2.83
CA GLY A 271 15.93 17.58 -1.75
C GLY A 271 14.61 16.89 -1.51
N VAL A 272 14.58 16.11 -0.44
CA VAL A 272 13.40 15.34 -0.05
C VAL A 272 12.97 15.79 1.34
N GLY A 273 11.66 15.85 1.56
CA GLY A 273 11.14 16.23 2.86
C GLY A 273 9.69 15.83 3.04
N LEU A 274 9.16 16.10 4.24
CA LEU A 274 7.77 15.79 4.55
C LEU A 274 6.99 17.09 4.65
N ALA A 275 6.03 17.27 3.75
CA ALA A 275 5.21 18.49 3.76
C ALA A 275 4.46 18.59 5.09
N ALA A 276 4.35 19.80 5.62
CA ALA A 276 3.64 20.02 6.87
C ALA A 276 2.29 20.64 6.59
N SER A 278 -0.60 21.92 3.13
CA SER A 278 -1.02 21.66 1.76
C SER A 278 -0.20 22.50 0.78
N GLY A 279 -0.22 22.10 -0.48
CA GLY A 279 0.52 22.84 -1.49
C GLY A 279 -0.06 24.23 -1.65
N LYS A 280 -1.28 24.41 -1.15
CA LYS A 280 -1.99 25.69 -1.23
C LYS A 280 -1.51 26.63 -0.13
N GLU A 281 -1.36 26.10 1.08
CA GLU A 281 -0.91 26.86 2.24
C GLU A 281 0.52 27.37 2.09
N ALA A 283 2.23 28.07 -0.90
CA ALA A 283 2.23 29.16 -1.86
C ALA A 283 1.23 30.23 -1.41
N GLY A 284 0.63 29.99 -0.25
CA GLY A 284 -0.35 30.93 0.29
C GLY A 284 0.24 31.79 1.39
N SER A 285 -0.48 31.93 2.49
CA SER A 285 -0.02 32.73 3.62
C SER A 285 -0.03 31.90 4.91
N GLY A 288 3.94 29.34 9.23
CA GLY A 288 4.32 28.13 9.93
C GLY A 288 5.32 27.30 9.16
N ILE A 289 5.66 26.13 9.72
CA ILE A 289 6.61 25.21 9.09
C ILE A 289 6.00 24.57 7.85
N ALA A 290 6.65 24.76 6.71
CA ALA A 290 6.15 24.21 5.46
C ALA A 290 6.64 22.79 5.18
N ILE A 291 7.93 22.54 5.41
CA ILE A 291 8.51 21.23 5.15
C ILE A 291 9.57 20.79 6.15
N ASN A 292 9.51 19.53 6.57
CA ASN A 292 10.51 18.98 7.47
C ASN A 292 11.49 18.30 6.51
N VAL A 293 12.69 18.85 6.40
CA VAL A 293 13.71 18.33 5.50
C VAL A 293 14.34 17.00 5.92
N LYS A 294 14.37 16.04 5.00
CA LYS A 294 14.98 14.75 5.27
C LYS A 294 16.40 14.73 4.71
N ARG A 295 16.58 15.30 3.52
CA ARG A 295 17.89 15.31 2.90
C ARG A 295 17.93 16.21 1.68
N LYS A 296 19.13 16.49 1.20
CA LYS A 296 19.31 17.33 0.02
C LYS A 296 20.50 16.89 -0.81
N PHE A 297 20.48 17.26 -2.08
CA PHE A 297 21.55 16.89 -2.99
C PHE A 297 22.13 18.13 -3.67
N SER A 298 23.46 18.17 -3.82
CA SER A 298 24.14 19.29 -4.45
C SER A 298 24.21 19.14 -5.96
#